data_6R48
#
_entry.id   6R48
#
_cell.length_a   56.960
_cell.length_b   72.890
_cell.length_c   155.990
_cell.angle_alpha   90.00
_cell.angle_beta   90.00
_cell.angle_gamma   90.00
#
_symmetry.space_group_name_H-M   'P 21 2 21'
#
loop_
_entity.id
_entity.type
_entity.pdbx_description
1 polymer 'Light-dependent protochlorophyllide reductase'
2 non-polymer 'NADPH DIHYDRO-NICOTINAMIDE-ADENINE-DINUCLEOTIDE PHOSPHATE'
3 non-polymer 'CHLORIDE ION'
4 water water
#
_entity_poly.entity_id   1
_entity_poly.type   'polypeptide(L)'
_entity_poly.pdbx_seq_one_letter_code
;MKPTVIITGASSGVGLYGAKALIDKGWHVIMACRNLDKTQKVADELGFPKDSYTIIKLDLGYLDSVRRFVAQFRELGRPL
KALVCNAAVYFPLLDEPLWSADDYELSVATNHLGHFLLCNLLLEDLKACPDADKRLIILGTVTANSKELGGKIPIPAPPD
LGNFEGFEAGFKKPIAMINNKKFKSGKAYKDSKLCNMLTTRELHRRFHQETGIVFNSLYPGCVADTPLFRNHYSLFRTIF
PWFQKNVTKGYVSQELAGERVAMVVADDKFKDSGVHWSWGNRQQAGREAFVQELSEQGSDAQKAQRMWDLSEKLVGLV
;
_entity_poly.pdbx_strand_id   A,B
#
loop_
_chem_comp.id
_chem_comp.type
_chem_comp.name
_chem_comp.formula
CL non-polymer 'CHLORIDE ION' 'Cl -1'
NDP non-polymer 'NADPH DIHYDRO-NICOTINAMIDE-ADENINE-DINUCLEOTIDE PHOSPHATE' 'C21 H30 N7 O17 P3'
#
# COMPACT_ATOMS: atom_id res chain seq x y z
N MET A 1 -14.13 6.84 -16.82
CA MET A 1 -14.19 7.59 -15.54
C MET A 1 -13.81 9.04 -15.70
N LYS A 2 -14.47 9.91 -14.95
CA LYS A 2 -13.99 11.30 -14.85
C LYS A 2 -12.55 11.31 -14.31
N PRO A 3 -11.72 12.24 -14.80
CA PRO A 3 -10.37 12.34 -14.25
C PRO A 3 -10.40 12.70 -12.78
N THR A 4 -9.51 12.09 -11.99
CA THR A 4 -9.57 12.18 -10.54
C THR A 4 -8.43 13.01 -9.95
N VAL A 5 -8.82 13.97 -9.12
CA VAL A 5 -7.87 14.83 -8.41
C VAL A 5 -8.11 14.76 -6.90
N ILE A 6 -7.03 14.64 -6.13
CA ILE A 6 -7.11 14.78 -4.69
C ILE A 6 -6.77 16.24 -4.32
N ILE A 7 -7.62 16.84 -3.49
CA ILE A 7 -7.34 18.16 -2.93
C ILE A 7 -7.36 18.06 -1.42
N THR A 8 -6.23 18.35 -0.79
CA THR A 8 -6.19 18.40 0.67
C THR A 8 -6.83 19.70 1.14
N GLY A 9 -7.53 19.65 2.26
CA GLY A 9 -8.13 20.88 2.82
C GLY A 9 -9.15 21.52 1.89
N ALA A 10 -10.10 20.73 1.44
CA ALA A 10 -11.12 21.19 0.52
C ALA A 10 -12.41 21.63 1.23
N SER A 11 -12.39 21.81 2.54
CA SER A 11 -13.59 22.18 3.31
C SER A 11 -13.67 23.69 3.57
N SER A 12 -12.70 24.45 3.03
CA SER A 12 -12.61 25.89 3.25
C SER A 12 -11.82 26.53 2.12
N GLY A 13 -12.11 27.81 1.87
CA GLY A 13 -11.22 28.67 1.08
C GLY A 13 -10.82 28.17 -0.29
N VAL A 14 -9.53 28.29 -0.59
CA VAL A 14 -8.97 27.94 -1.90
C VAL A 14 -9.27 26.49 -2.28
N GLY A 15 -9.11 25.58 -1.34
CA GLY A 15 -9.36 24.16 -1.58
C GLY A 15 -10.81 23.88 -1.94
N LEU A 16 -11.73 24.52 -1.19
CA LEU A 16 -13.16 24.35 -1.43
C LEU A 16 -13.56 24.88 -2.81
N TYR A 17 -13.06 26.07 -3.15
CA TYR A 17 -13.38 26.67 -4.44
C TYR A 17 -12.62 26.05 -5.60
N GLY A 18 -11.44 25.48 -5.32
CA GLY A 18 -10.74 24.66 -6.29
C GLY A 18 -11.50 23.40 -6.63
N ALA A 19 -12.04 22.74 -5.60
CA ALA A 19 -12.93 21.59 -5.79
C ALA A 19 -14.15 21.97 -6.63
N LYS A 20 -14.77 23.10 -6.31
CA LYS A 20 -15.91 23.61 -7.07
C LYS A 20 -15.56 23.76 -8.56
N ALA A 21 -14.44 24.42 -8.83
CA ALA A 21 -14.03 24.70 -10.22
C ALA A 21 -13.67 23.44 -10.97
N LEU A 22 -13.01 22.50 -10.31
CA LEU A 22 -12.65 21.22 -10.95
C LEU A 22 -13.85 20.32 -11.20
N ILE A 23 -14.80 20.28 -10.26
CA ILE A 23 -16.10 19.63 -10.50
C ILE A 23 -16.74 20.22 -11.77
N ASP A 24 -16.76 21.55 -11.87
CA ASP A 24 -17.34 22.21 -13.04
C ASP A 24 -16.64 21.86 -14.35
N LYS A 25 -15.35 21.55 -14.29
CA LYS A 25 -14.60 21.14 -15.46
C LYS A 25 -14.71 19.66 -15.79
N GLY A 26 -15.52 18.91 -15.04
CA GLY A 26 -15.73 17.48 -15.31
C GLY A 26 -14.80 16.53 -14.54
N TRP A 27 -14.17 17.01 -13.47
CA TRP A 27 -13.33 16.10 -12.64
C TRP A 27 -14.11 15.50 -11.47
N HIS A 28 -13.60 14.37 -10.99
CA HIS A 28 -14.00 13.77 -9.74
C HIS A 28 -13.01 14.23 -8.67
N VAL A 29 -13.51 14.91 -7.64
CA VAL A 29 -12.63 15.49 -6.63
C VAL A 29 -12.66 14.64 -5.38
N ILE A 30 -11.48 14.23 -4.92
CA ILE A 30 -11.36 13.61 -3.61
C ILE A 30 -11.10 14.75 -2.62
N MET A 31 -12.08 15.00 -1.76
CA MET A 31 -11.98 16.04 -0.73
C MET A 31 -11.33 15.37 0.49
N ALA A 32 -10.02 15.62 0.61
CA ALA A 32 -9.20 14.96 1.61
C ALA A 32 -9.13 15.87 2.81
N CYS A 33 -10.04 15.63 3.77
CA CYS A 33 -10.35 16.58 4.81
C CYS A 33 -10.43 15.96 6.19
N ARG A 34 -10.21 16.78 7.20
CA ARG A 34 -10.10 16.30 8.59
C ARG A 34 -11.45 16.25 9.30
N ASN A 35 -12.40 17.07 8.87
CA ASN A 35 -13.68 17.20 9.52
C ASN A 35 -14.78 16.80 8.52
N LEU A 36 -15.24 15.56 8.63
CA LEU A 36 -16.15 15.01 7.63
C LEU A 36 -17.50 15.69 7.64
N ASP A 37 -18.00 16.01 8.84
CA ASP A 37 -19.29 16.67 9.03
C ASP A 37 -19.24 18.05 8.37
N LYS A 38 -18.19 18.82 8.64
CA LYS A 38 -18.04 20.13 8.02
C LYS A 38 -17.94 20.04 6.50
N THR A 39 -17.16 19.08 6.02
CA THR A 39 -16.89 18.94 4.59
C THR A 39 -18.19 18.63 3.85
N GLN A 40 -18.98 17.69 4.40
CA GLN A 40 -20.28 17.37 3.81
C GLN A 40 -21.20 18.60 3.81
N LYS A 41 -21.26 19.31 4.93
CA LYS A 41 -22.09 20.53 5.01
C LYS A 41 -21.73 21.56 3.93
N VAL A 42 -20.44 21.86 3.75
CA VAL A 42 -20.02 22.88 2.79
C VAL A 42 -20.19 22.48 1.34
N ALA A 43 -19.99 21.20 1.05
CA ALA A 43 -20.24 20.67 -0.28
C ALA A 43 -21.73 20.84 -0.63
N ASP A 44 -22.59 20.45 0.30
CA ASP A 44 -24.04 20.59 0.09
C ASP A 44 -24.47 22.07 -0.02
N GLU A 45 -23.85 22.94 0.79
CA GLU A 45 -24.12 24.40 0.72
C GLU A 45 -23.78 25.03 -0.63
N LEU A 46 -22.80 24.46 -1.33
CA LEU A 46 -22.45 24.89 -2.69
C LEU A 46 -23.07 24.02 -3.78
N GLY A 47 -23.94 23.09 -3.40
CA GLY A 47 -24.59 22.21 -4.35
C GLY A 47 -23.72 21.24 -5.13
N PHE A 48 -22.61 20.77 -4.54
CA PHE A 48 -21.73 19.83 -5.24
C PHE A 48 -22.50 18.57 -5.59
N PRO A 49 -22.41 18.11 -6.85
CA PRO A 49 -23.13 16.88 -7.18
C PRO A 49 -22.37 15.71 -6.58
N LYS A 50 -23.07 14.84 -5.86
CA LYS A 50 -22.43 13.75 -5.13
C LYS A 50 -21.73 12.70 -6.02
N ASP A 51 -22.13 12.62 -7.28
CA ASP A 51 -21.47 11.71 -8.23
C ASP A 51 -20.10 12.26 -8.69
N SER A 52 -19.73 13.49 -8.32
CA SER A 52 -18.47 14.13 -8.76
C SER A 52 -17.44 14.34 -7.64
N TYR A 53 -17.71 13.87 -6.42
CA TYR A 53 -16.73 13.94 -5.35
C TYR A 53 -16.86 12.80 -4.33
N THR A 54 -15.77 12.58 -3.61
CA THR A 54 -15.74 11.65 -2.48
C THR A 54 -14.98 12.31 -1.32
N ILE A 55 -15.54 12.23 -0.12
CA ILE A 55 -14.89 12.77 1.06
C ILE A 55 -14.18 11.61 1.71
N ILE A 56 -12.88 11.77 1.92
CA ILE A 56 -12.10 10.79 2.66
C ILE A 56 -11.35 11.54 3.75
N LYS A 57 -11.36 10.93 4.93
CA LYS A 57 -10.70 11.47 6.10
C LYS A 57 -9.20 11.58 5.89
N LEU A 58 -8.65 12.77 6.20
CA LEU A 58 -7.24 13.01 6.22
C LEU A 58 -6.92 14.03 7.28
N ASP A 59 -5.99 13.70 8.15
CA ASP A 59 -5.48 14.59 9.19
C ASP A 59 -3.97 14.71 8.96
N LEU A 60 -3.55 15.80 8.32
CA LEU A 60 -2.13 15.99 7.99
C LEU A 60 -1.22 16.14 9.20
N GLY A 61 -1.80 16.38 10.38
CA GLY A 61 -1.03 16.45 11.61
C GLY A 61 -0.81 15.12 12.28
N TYR A 62 -1.14 14.04 11.57
CA TYR A 62 -1.02 12.70 12.10
C TYR A 62 -0.57 11.79 10.98
N LEU A 63 0.70 11.42 11.04
CA LEU A 63 1.32 10.77 9.89
C LEU A 63 0.63 9.46 9.54
N ASP A 64 0.21 8.71 10.55
CA ASP A 64 -0.55 7.50 10.28
C ASP A 64 -1.92 7.79 9.67
N SER A 65 -2.52 8.94 9.95
CA SER A 65 -3.72 9.35 9.19
C SER A 65 -3.46 9.53 7.68
N VAL A 66 -2.31 10.11 7.34
CA VAL A 66 -1.86 10.26 5.96
C VAL A 66 -1.80 8.89 5.29
N ARG A 67 -1.16 7.94 5.96
CA ARG A 67 -1.09 6.56 5.46
C ARG A 67 -2.46 5.89 5.28
N ARG A 68 -3.33 6.01 6.29
CA ARG A 68 -4.71 5.51 6.17
C ARG A 68 -5.50 6.17 5.05
N PHE A 69 -5.34 7.48 4.89
CA PHE A 69 -5.99 8.19 3.78
C PHE A 69 -5.61 7.55 2.44
N VAL A 70 -4.32 7.32 2.26
CA VAL A 70 -3.82 6.73 1.00
C VAL A 70 -4.47 5.37 0.76
N ALA A 71 -4.48 4.53 1.80
CA ALA A 71 -5.11 3.19 1.73
C ALA A 71 -6.59 3.31 1.34
N GLN A 72 -7.32 4.21 2.00
CA GLN A 72 -8.75 4.37 1.70
C GLN A 72 -8.98 4.91 0.28
N PHE A 73 -8.12 5.83 -0.15
CA PHE A 73 -8.19 6.32 -1.52
C PHE A 73 -8.04 5.19 -2.52
N ARG A 74 -7.03 4.34 -2.30
CA ARG A 74 -6.77 3.20 -3.18
C ARG A 74 -7.94 2.21 -3.29
N GLU A 75 -8.70 2.04 -2.21
CA GLU A 75 -9.88 1.18 -2.23
C GLU A 75 -10.94 1.61 -3.23
N LEU A 76 -10.96 2.89 -3.60
CA LEU A 76 -11.93 3.38 -4.61
C LEU A 76 -11.68 2.85 -5.99
N GLY A 77 -10.45 2.47 -6.29
CA GLY A 77 -10.11 2.01 -7.64
C GLY A 77 -10.19 3.09 -8.71
N ARG A 78 -9.89 4.33 -8.35
CA ARG A 78 -9.85 5.44 -9.28
C ARG A 78 -8.39 5.77 -9.54
N PRO A 79 -7.94 5.68 -10.80
CA PRO A 79 -6.56 6.10 -11.06
C PRO A 79 -6.32 7.58 -10.74
N LEU A 80 -5.18 7.90 -10.14
CA LEU A 80 -4.89 9.29 -9.71
C LEU A 80 -4.19 10.11 -10.81
N LYS A 81 -4.87 11.12 -11.32
CA LYS A 81 -4.34 12.01 -12.35
C LYS A 81 -3.63 13.25 -11.76
N ALA A 82 -4.12 13.75 -10.62
CA ALA A 82 -3.56 14.94 -10.03
C ALA A 82 -3.72 14.99 -8.53
N LEU A 83 -2.76 15.64 -7.88
CA LEU A 83 -2.79 15.88 -6.45
C LEU A 83 -2.55 17.37 -6.20
N VAL A 84 -3.38 17.97 -5.34
CA VAL A 84 -3.19 19.36 -4.90
C VAL A 84 -2.95 19.38 -3.41
N CYS A 85 -1.75 19.77 -3.00
CA CYS A 85 -1.42 19.98 -1.60
C CYS A 85 -1.78 21.41 -1.26
N ASN A 86 -2.99 21.58 -0.74
CA ASN A 86 -3.58 22.87 -0.44
C ASN A 86 -3.73 23.19 1.05
N ALA A 87 -4.01 22.20 1.87
CA ALA A 87 -4.33 22.42 3.28
C ALA A 87 -3.21 23.18 3.98
N ALA A 88 -3.59 24.07 4.88
CA ALA A 88 -2.64 24.73 5.76
C ALA A 88 -3.32 25.18 7.04
N VAL A 89 -2.52 25.31 8.08
CA VAL A 89 -2.88 26.00 9.32
C VAL A 89 -1.95 27.17 9.61
N TYR A 90 -2.49 28.14 10.35
CA TYR A 90 -1.74 29.26 10.84
C TYR A 90 -2.35 29.66 12.19
N PHE A 91 -1.50 29.78 13.21
CA PHE A 91 -1.90 30.15 14.57
C PHE A 91 -1.38 31.53 14.90
N PRO A 92 -2.21 32.57 14.70
CA PRO A 92 -1.69 33.91 14.90
C PRO A 92 -1.36 34.22 16.34
N LEU A 93 -0.15 34.76 16.58
CA LEU A 93 0.19 35.39 17.84
C LEU A 93 0.09 34.41 19.00
N LEU A 94 0.52 33.19 18.74
CA LEU A 94 0.35 32.05 19.62
C LEU A 94 1.68 32.03 20.30
N ASP A 95 1.67 32.21 21.61
CA ASP A 95 2.93 32.31 22.34
C ASP A 95 3.65 30.99 22.56
N GLU A 96 2.90 29.90 22.75
CA GLU A 96 3.47 28.57 22.98
C GLU A 96 3.06 27.61 21.87
N PRO A 97 4.00 26.79 21.38
CA PRO A 97 3.70 25.89 20.25
C PRO A 97 2.60 24.87 20.55
N LEU A 98 1.82 24.53 19.53
CA LEU A 98 0.95 23.37 19.55
C LEU A 98 1.69 22.22 18.88
N TRP A 99 1.30 20.99 19.26
CA TRP A 99 2.00 19.77 18.88
C TRP A 99 1.10 18.87 18.06
N SER A 100 1.67 18.29 16.99
CA SER A 100 0.97 17.28 16.22
C SER A 100 0.83 15.98 17.00
N ALA A 101 0.11 15.02 16.39
CA ALA A 101 0.02 13.68 16.95
C ALA A 101 1.37 12.98 17.07
N ASP A 102 2.36 13.43 16.32
CA ASP A 102 3.70 12.86 16.33
C ASP A 102 4.69 13.76 17.05
N ASP A 103 4.19 14.66 17.92
CA ASP A 103 5.03 15.57 18.72
C ASP A 103 5.94 16.51 17.90
N TYR A 104 5.43 16.97 16.75
CA TYR A 104 6.11 17.92 15.91
C TYR A 104 5.32 19.24 15.96
N GLU A 105 6.03 20.36 15.91
CA GLU A 105 5.35 21.67 15.94
C GLU A 105 4.25 21.67 14.87
N LEU A 106 3.05 22.12 15.26
CA LEU A 106 1.85 21.81 14.46
C LEU A 106 1.80 22.47 13.08
N SER A 107 2.32 23.69 12.96
CA SER A 107 2.35 24.41 11.66
C SER A 107 3.19 23.68 10.62
N VAL A 108 4.44 23.41 10.99
CA VAL A 108 5.34 22.65 10.10
C VAL A 108 4.86 21.22 9.91
N ALA A 109 4.40 20.57 10.98
CA ALA A 109 3.89 19.20 10.88
C ALA A 109 2.72 19.08 9.86
N THR A 110 1.80 20.03 9.91
CA THR A 110 0.60 19.98 9.11
C THR A 110 0.90 20.44 7.69
N ASN A 111 1.52 21.60 7.56
CA ASN A 111 1.66 22.24 6.25
C ASN A 111 2.68 21.56 5.39
N HIS A 112 3.77 21.17 6.04
CA HIS A 112 4.86 20.54 5.36
C HIS A 112 4.94 19.03 5.55
N LEU A 113 5.16 18.56 6.78
CA LEU A 113 5.52 17.14 6.96
C LEU A 113 4.43 16.17 6.51
N GLY A 114 3.17 16.45 6.82
CA GLY A 114 2.10 15.59 6.35
C GLY A 114 1.99 15.53 4.83
N HIS A 115 2.09 16.70 4.21
CA HIS A 115 2.12 16.81 2.75
C HIS A 115 3.32 16.11 2.14
N PHE A 116 4.48 16.24 2.78
CA PHE A 116 5.73 15.63 2.31
C PHE A 116 5.57 14.12 2.25
N LEU A 117 5.04 13.53 3.32
CA LEU A 117 4.72 12.09 3.31
C LEU A 117 3.68 11.77 2.22
N LEU A 118 2.61 12.56 2.16
CA LEU A 118 1.51 12.32 1.25
C LEU A 118 2.00 12.31 -0.20
N CYS A 119 2.85 13.29 -0.54
CA CYS A 119 3.42 13.35 -1.89
C CYS A 119 4.21 12.10 -2.24
N ASN A 120 5.08 11.69 -1.32
CA ASN A 120 5.89 10.48 -1.53
C ASN A 120 5.07 9.21 -1.67
N LEU A 121 4.01 9.07 -0.87
CA LEU A 121 3.16 7.87 -0.98
C LEU A 121 2.37 7.86 -2.28
N LEU A 122 1.80 9.02 -2.61
CA LEU A 122 0.93 9.13 -3.80
C LEU A 122 1.69 9.19 -5.15
N LEU A 123 3.00 9.37 -5.08
CA LEU A 123 3.83 9.28 -6.29
C LEU A 123 3.62 7.95 -7.00
N GLU A 124 3.45 6.87 -6.23
CA GLU A 124 3.17 5.53 -6.78
C GLU A 124 1.83 5.53 -7.54
N ASP A 125 0.82 6.17 -6.95
CA ASP A 125 -0.49 6.27 -7.58
C ASP A 125 -0.45 7.12 -8.87
N LEU A 126 0.22 8.27 -8.82
CA LEU A 126 0.37 9.11 -10.01
C LEU A 126 1.14 8.34 -11.09
N LYS A 127 2.19 7.63 -10.71
CA LYS A 127 2.92 6.79 -11.68
C LYS A 127 2.03 5.72 -12.33
N ALA A 128 1.16 5.09 -11.54
CA ALA A 128 0.31 3.99 -12.03
C ALA A 128 -0.78 4.46 -12.95
N CYS A 129 -1.23 5.71 -12.79
CA CYS A 129 -2.26 6.25 -13.66
C CYS A 129 -1.73 6.30 -15.11
N PRO A 130 -2.52 5.80 -16.07
CA PRO A 130 -2.02 5.70 -17.46
C PRO A 130 -2.04 7.00 -18.28
N ASP A 131 -2.66 8.06 -17.78
CA ASP A 131 -2.71 9.34 -18.50
C ASP A 131 -1.33 9.91 -18.79
N ALA A 132 -1.21 10.57 -19.93
CA ALA A 132 0.02 11.26 -20.30
C ALA A 132 0.22 12.53 -19.45
N ASP A 133 -0.86 13.20 -19.10
CA ASP A 133 -0.79 14.48 -18.39
C ASP A 133 -1.24 14.25 -16.93
N LYS A 134 -0.26 14.26 -16.03
CA LYS A 134 -0.50 14.07 -14.60
C LYS A 134 0.31 15.11 -13.82
N ARG A 135 -0.29 15.65 -12.76
CA ARG A 135 0.25 16.87 -12.11
C ARG A 135 0.13 16.80 -10.59
N LEU A 136 1.18 17.28 -9.94
CA LEU A 136 1.21 17.45 -8.51
C LEU A 136 1.49 18.94 -8.27
N ILE A 137 0.52 19.61 -7.67
CA ILE A 137 0.50 21.03 -7.46
C ILE A 137 0.56 21.29 -5.95
N ILE A 138 1.46 22.19 -5.53
CA ILE A 138 1.61 22.58 -4.14
C ILE A 138 1.32 24.06 -4.00
N LEU A 139 0.44 24.41 -3.06
CA LEU A 139 0.14 25.81 -2.78
C LEU A 139 1.31 26.43 -2.03
N GLY A 140 1.86 27.52 -2.57
CA GLY A 140 3.12 28.06 -2.06
C GLY A 140 3.08 29.52 -1.68
N THR A 141 4.22 30.19 -1.83
CA THR A 141 4.45 31.57 -1.41
C THR A 141 4.34 32.49 -2.60
N VAL A 142 4.40 33.80 -2.37
CA VAL A 142 4.26 34.80 -3.45
C VAL A 142 5.27 34.59 -4.58
N THR A 143 6.54 34.47 -4.19
CA THR A 143 7.65 34.33 -5.15
C THR A 143 8.48 33.07 -4.87
N ALA A 144 9.22 32.61 -5.88
CA ALA A 144 10.10 31.44 -5.78
C ALA A 144 11.53 31.91 -5.29
N ASN A 145 11.60 32.64 -4.16
CA ASN A 145 12.84 33.30 -3.68
C ASN A 145 13.12 33.11 -2.19
N LYS A 152 3.86 41.40 6.77
CA LYS A 152 3.28 41.89 5.51
C LYS A 152 1.80 41.49 5.31
N ILE A 153 1.52 40.19 5.22
CA ILE A 153 0.22 39.64 4.83
C ILE A 153 -0.26 38.52 5.80
N PRO A 154 -0.34 38.82 7.12
CA PRO A 154 0.23 39.91 7.89
C PRO A 154 1.39 39.40 8.81
N ILE A 155 2.36 38.69 8.22
CA ILE A 155 3.49 38.13 8.94
C ILE A 155 4.78 38.78 8.38
N PRO A 156 5.31 39.80 9.06
CA PRO A 156 6.52 40.50 8.57
C PRO A 156 7.78 39.62 8.44
N ALA A 157 7.92 38.67 9.35
CA ALA A 157 9.15 37.93 9.51
C ALA A 157 9.43 37.04 8.29
N PRO A 158 10.65 37.11 7.75
CA PRO A 158 10.99 36.16 6.69
C PRO A 158 11.21 34.73 7.26
N PRO A 159 11.02 33.72 6.42
CA PRO A 159 11.41 32.39 6.84
C PRO A 159 12.94 32.25 7.00
N ASP A 160 13.38 31.29 7.79
CA ASP A 160 14.81 31.02 7.91
C ASP A 160 14.99 29.64 8.49
N LEU A 161 15.47 28.73 7.66
CA LEU A 161 15.62 27.34 8.05
C LEU A 161 16.97 27.07 8.71
N GLY A 162 17.84 28.09 8.76
CA GLY A 162 19.20 27.93 9.30
C GLY A 162 19.92 26.75 8.64
N ASN A 163 20.51 25.88 9.45
CA ASN A 163 21.05 24.60 8.99
C ASN A 163 20.19 23.42 9.40
N PHE A 164 18.87 23.65 9.49
CA PHE A 164 17.91 22.62 9.86
C PHE A 164 18.23 21.96 11.20
N GLU A 165 18.79 22.72 12.14
CA GLU A 165 19.25 22.16 13.43
C GLU A 165 18.12 21.47 14.20
N GLY A 166 16.91 22.01 14.10
CA GLY A 166 15.74 21.41 14.71
C GLY A 166 15.36 20.08 14.08
N PHE A 167 15.38 20.03 12.76
CA PHE A 167 15.21 18.77 12.02
C PHE A 167 16.30 17.77 12.35
N GLU A 168 17.55 18.22 12.36
CA GLU A 168 18.70 17.31 12.63
C GLU A 168 18.62 16.62 13.96
N ALA A 169 18.18 17.36 14.97
CA ALA A 169 17.98 16.84 16.32
C ALA A 169 16.68 16.01 16.47
N GLY A 170 15.95 15.77 15.38
CA GLY A 170 14.79 14.90 15.38
C GLY A 170 13.44 15.61 15.45
N PHE A 171 13.45 16.92 15.67
CA PHE A 171 12.26 17.80 15.62
C PHE A 171 11.18 17.50 16.66
N LYS A 172 11.44 16.62 17.63
CA LYS A 172 10.40 16.28 18.62
C LYS A 172 10.31 17.38 19.67
N LYS A 173 9.09 17.62 20.14
CA LYS A 173 8.83 18.45 21.32
C LYS A 173 9.91 18.15 22.39
N PRO A 174 10.54 19.15 23.02
CA PRO A 174 10.19 20.58 22.96
C PRO A 174 10.77 21.42 21.78
N ILE A 175 11.46 20.80 20.83
CA ILE A 175 11.93 21.52 19.65
C ILE A 175 10.70 22.11 18.97
N ALA A 176 10.78 23.39 18.59
CA ALA A 176 9.62 24.10 18.07
C ALA A 176 9.82 24.83 16.73
N MET A 177 11.06 24.89 16.22
CA MET A 177 11.39 25.55 14.97
C MET A 177 12.40 24.71 14.19
N ILE A 178 12.38 24.85 12.86
CA ILE A 178 13.25 24.04 11.99
C ILE A 178 14.74 24.34 12.25
N ASN A 179 15.06 25.58 12.61
CA ASN A 179 16.42 25.96 13.00
C ASN A 179 16.73 25.84 14.50
N ASN A 180 15.80 25.27 15.25
CA ASN A 180 15.92 25.04 16.70
C ASN A 180 16.01 26.29 17.57
N LYS A 181 15.55 27.42 17.06
CA LYS A 181 15.46 28.66 17.86
C LYS A 181 14.07 28.73 18.48
N LYS A 182 13.78 29.84 19.15
CA LYS A 182 12.59 29.90 19.98
C LYS A 182 11.33 30.01 19.09
N PHE A 183 10.25 29.39 19.55
CA PHE A 183 9.00 29.38 18.80
C PHE A 183 8.47 30.77 18.45
N LYS A 184 8.13 30.96 17.19
CA LYS A 184 7.41 32.13 16.73
C LYS A 184 6.38 31.62 15.73
N SER A 185 5.10 31.85 16.01
CA SER A 185 4.04 31.20 15.24
C SER A 185 3.91 31.70 13.83
N GLY A 186 4.12 32.99 13.63
CA GLY A 186 4.12 33.54 12.27
C GLY A 186 5.28 32.99 11.43
N LYS A 187 6.49 33.05 12.01
CA LYS A 187 7.67 32.52 11.32
C LYS A 187 7.51 31.01 11.07
N ALA A 188 6.93 30.29 12.03
CA ALA A 188 6.68 28.85 11.84
C ALA A 188 5.85 28.61 10.59
N TYR A 189 4.81 29.43 10.40
CA TYR A 189 4.01 29.35 9.18
C TYR A 189 4.88 29.62 7.92
N LYS A 190 5.66 30.69 7.94
CA LYS A 190 6.49 31.05 6.79
C LYS A 190 7.50 29.96 6.49
N ASP A 191 8.14 29.43 7.54
CA ASP A 191 9.09 28.31 7.38
C ASP A 191 8.41 27.13 6.69
N SER A 192 7.20 26.79 7.12
CA SER A 192 6.48 25.67 6.54
C SER A 192 6.20 25.88 5.06
N LYS A 193 5.83 27.10 4.69
CA LYS A 193 5.52 27.40 3.30
C LYS A 193 6.76 27.39 2.41
N LEU A 194 7.89 27.83 2.95
CA LEU A 194 9.15 27.69 2.22
C LEU A 194 9.46 26.21 1.99
N CYS A 195 9.22 25.36 2.99
CA CYS A 195 9.41 23.92 2.83
C CYS A 195 8.52 23.36 1.72
N ASN A 196 7.29 23.88 1.61
CA ASN A 196 6.39 23.51 0.50
C ASN A 196 7.01 23.82 -0.86
N MET A 197 7.58 25.02 -0.97
CA MET A 197 8.26 25.47 -2.20
C MET A 197 9.48 24.62 -2.50
N LEU A 198 10.27 24.33 -1.47
CA LEU A 198 11.46 23.50 -1.65
C LEU A 198 11.07 22.08 -2.07
N THR A 199 9.95 21.60 -1.52
CA THR A 199 9.44 20.28 -1.88
C THR A 199 9.11 20.20 -3.36
N THR A 200 8.43 21.20 -3.90
CA THR A 200 8.12 21.23 -5.32
C THR A 200 9.40 21.18 -6.17
N ARG A 201 10.36 22.00 -5.79
CA ARG A 201 11.67 22.04 -6.48
C ARG A 201 12.30 20.65 -6.51
N GLU A 202 12.29 19.97 -5.37
CA GLU A 202 12.88 18.62 -5.25
C GLU A 202 12.09 17.52 -5.96
N LEU A 203 10.76 17.58 -5.89
CA LEU A 203 9.94 16.62 -6.64
C LEU A 203 10.27 16.67 -8.16
N HIS A 204 10.30 17.89 -8.68
CA HIS A 204 10.69 18.08 -10.07
C HIS A 204 12.09 17.52 -10.35
N ARG A 205 13.07 17.92 -9.53
CA ARG A 205 14.46 17.51 -9.77
C ARG A 205 14.62 16.01 -9.70
N ARG A 206 14.04 15.38 -8.68
CA ARG A 206 14.17 13.95 -8.46
C ARG A 206 13.33 13.09 -9.41
N PHE A 207 12.17 13.57 -9.82
CA PHE A 207 11.18 12.68 -10.48
C PHE A 207 10.61 13.08 -11.84
N HIS A 208 10.79 14.33 -12.28
CA HIS A 208 10.15 14.71 -13.53
C HIS A 208 10.67 13.87 -14.70
N GLN A 209 11.98 13.75 -14.82
CA GLN A 209 12.56 13.02 -15.95
C GLN A 209 12.18 11.54 -15.95
N GLU A 210 12.19 10.92 -14.76
CA GLU A 210 11.83 9.51 -14.62
C GLU A 210 10.33 9.22 -14.86
N THR A 211 9.44 10.14 -14.46
CA THR A 211 8.00 9.83 -14.43
C THR A 211 7.13 10.61 -15.40
N GLY A 212 7.61 11.74 -15.90
CA GLY A 212 6.82 12.60 -16.76
C GLY A 212 5.76 13.41 -16.02
N ILE A 213 5.63 13.22 -14.70
CA ILE A 213 4.67 13.97 -13.91
C ILE A 213 5.16 15.41 -13.80
N VAL A 214 4.20 16.31 -13.85
CA VAL A 214 4.42 17.73 -13.73
C VAL A 214 4.38 18.10 -12.23
N PHE A 215 5.43 18.76 -11.76
CA PHE A 215 5.55 19.17 -10.36
C PHE A 215 5.71 20.69 -10.29
N ASN A 216 4.64 21.38 -9.89
CA ASN A 216 4.63 22.84 -9.85
C ASN A 216 4.04 23.39 -8.55
N SER A 217 4.35 24.64 -8.27
CA SER A 217 3.79 25.36 -7.15
C SER A 217 2.95 26.53 -7.65
N LEU A 218 2.10 27.05 -6.78
CA LEU A 218 1.05 28.01 -7.15
C LEU A 218 0.90 29.05 -6.06
N TYR A 219 0.88 30.32 -6.45
CA TYR A 219 0.41 31.39 -5.59
C TYR A 219 -0.84 31.94 -6.29
N PRO A 220 -2.03 31.65 -5.74
CA PRO A 220 -3.26 32.07 -6.39
C PRO A 220 -3.60 33.59 -6.32
N GLY A 221 -2.94 34.33 -5.42
CA GLY A 221 -3.28 35.72 -5.12
C GLY A 221 -3.43 35.88 -3.64
N CYS A 222 -3.73 37.10 -3.20
CA CYS A 222 -4.08 37.36 -1.80
C CYS A 222 -5.56 37.08 -1.59
N VAL A 223 -5.85 35.90 -1.01
CA VAL A 223 -7.23 35.39 -0.87
C VAL A 223 -7.73 35.79 0.51
N ALA A 224 -7.99 37.09 0.63
CA ALA A 224 -8.16 37.73 1.94
C ALA A 224 -9.42 37.33 2.72
N ASP A 225 -10.43 36.83 2.03
CA ASP A 225 -11.66 36.39 2.68
C ASP A 225 -11.59 35.05 3.41
N THR A 226 -10.52 34.26 3.23
CA THR A 226 -10.51 32.92 3.85
C THR A 226 -10.23 33.06 5.34
N PRO A 227 -10.54 32.01 6.12
CA PRO A 227 -10.24 32.02 7.54
C PRO A 227 -8.76 32.04 7.87
N LEU A 228 -7.90 31.65 6.94
CA LEU A 228 -6.50 31.51 7.28
C LEU A 228 -5.91 32.76 7.97
N PHE A 229 -6.05 33.91 7.33
CA PHE A 229 -5.48 35.16 7.83
C PHE A 229 -6.50 36.16 8.30
N ARG A 230 -7.76 35.80 8.17
CA ARG A 230 -8.86 36.67 8.49
C ARG A 230 -8.77 37.30 9.87
N ASN A 231 -8.58 36.49 10.90
CA ASN A 231 -8.64 37.03 12.27
C ASN A 231 -7.43 37.89 12.59
N HIS A 232 -6.27 37.53 12.02
CA HIS A 232 -5.08 38.37 12.17
C HIS A 232 -5.29 39.71 11.48
N TYR A 233 -5.88 39.71 10.29
CA TYR A 233 -6.08 40.97 9.57
C TYR A 233 -7.03 41.88 10.33
N SER A 234 -8.12 41.31 10.83
CA SER A 234 -9.13 42.10 11.57
C SER A 234 -8.50 42.67 12.82
N LEU A 235 -7.66 41.90 13.53
CA LEU A 235 -6.95 42.47 14.67
C LEU A 235 -6.04 43.62 14.25
N PHE A 236 -5.25 43.42 13.18
CA PHE A 236 -4.41 44.51 12.67
C PHE A 236 -5.21 45.81 12.34
N ARG A 237 -6.32 45.65 11.63
CA ARG A 237 -7.23 46.78 11.32
C ARG A 237 -7.88 47.39 12.56
N THR A 238 -8.14 46.61 13.60
CA THR A 238 -8.64 47.15 14.87
C THR A 238 -7.62 48.10 15.55
N ILE A 239 -6.35 47.78 15.42
CA ILE A 239 -5.26 48.55 16.05
C ILE A 239 -4.80 49.70 15.18
N PHE A 240 -4.70 49.43 13.88
CA PHE A 240 -4.32 50.41 12.88
C PHE A 240 -5.50 50.60 11.93
N PRO A 241 -6.51 51.44 12.31
CA PRO A 241 -7.74 51.67 11.52
C PRO A 241 -7.57 52.62 10.33
N TRP A 242 -6.36 52.63 9.77
CA TRP A 242 -5.91 53.62 8.81
C TRP A 242 -6.02 53.16 7.37
N PHE A 243 -6.56 51.97 7.12
CA PHE A 243 -6.42 51.30 5.85
C PHE A 243 -7.77 50.81 5.36
N GLN A 244 -8.00 50.93 4.04
CA GLN A 244 -9.07 50.16 3.35
C GLN A 244 -9.03 48.65 3.62
N LYS A 245 -10.18 47.98 3.51
CA LYS A 245 -10.27 46.50 3.57
C LYS A 245 -9.53 45.82 2.41
N TYR A 251 -5.55 41.31 -4.12
CA TYR A 251 -6.78 40.69 -3.62
C TYR A 251 -7.44 39.84 -4.71
N VAL A 252 -7.81 38.59 -4.38
CA VAL A 252 -8.66 37.77 -5.27
C VAL A 252 -9.77 37.14 -4.46
N SER A 253 -10.94 36.96 -5.07
CA SER A 253 -12.03 36.26 -4.41
C SER A 253 -11.64 34.77 -4.23
N GLN A 254 -12.32 34.11 -3.32
CA GLN A 254 -12.12 32.67 -3.11
C GLN A 254 -12.47 31.88 -4.38
N GLU A 255 -13.55 32.30 -5.05
CA GLU A 255 -13.99 31.67 -6.27
C GLU A 255 -12.91 31.74 -7.37
N LEU A 256 -12.30 32.90 -7.55
CA LEU A 256 -11.25 33.07 -8.57
C LEU A 256 -9.98 32.31 -8.22
N ALA A 257 -9.58 32.36 -6.95
CA ALA A 257 -8.43 31.56 -6.49
C ALA A 257 -8.63 30.07 -6.79
N GLY A 258 -9.81 29.57 -6.50
CA GLY A 258 -10.21 28.23 -6.89
C GLY A 258 -10.13 27.93 -8.37
N GLU A 259 -10.58 28.87 -9.19
CA GLU A 259 -10.49 28.73 -10.64
C GLU A 259 -9.02 28.69 -11.09
N ARG A 260 -8.16 29.44 -10.42
CA ARG A 260 -6.73 29.38 -10.73
C ARG A 260 -6.10 28.04 -10.35
N VAL A 261 -6.54 27.44 -9.24
CA VAL A 261 -6.13 26.06 -8.92
C VAL A 261 -6.56 25.12 -10.06
N ALA A 262 -7.80 25.27 -10.53
CA ALA A 262 -8.35 24.39 -11.55
C ALA A 262 -7.57 24.49 -12.86
N MET A 263 -7.18 25.71 -13.22
CA MET A 263 -6.35 25.97 -14.40
C MET A 263 -5.00 25.24 -14.32
N VAL A 264 -4.31 25.42 -13.21
CA VAL A 264 -2.95 24.84 -13.08
C VAL A 264 -3.00 23.30 -12.98
N VAL A 265 -4.12 22.76 -12.51
CA VAL A 265 -4.34 21.31 -12.51
C VAL A 265 -4.66 20.76 -13.91
N ALA A 266 -5.54 21.45 -14.63
CA ALA A 266 -6.24 20.88 -15.79
C ALA A 266 -5.88 21.46 -17.16
N ASP A 267 -5.42 22.71 -17.22
CA ASP A 267 -5.36 23.42 -18.51
C ASP A 267 -4.03 23.26 -19.24
N ASP A 268 -4.10 23.28 -20.58
CA ASP A 268 -2.95 23.00 -21.44
C ASP A 268 -1.79 23.96 -21.26
N LYS A 269 -2.09 25.21 -20.96
CA LYS A 269 -1.06 26.24 -20.75
C LYS A 269 -0.11 26.00 -19.58
N PHE A 270 -0.49 25.12 -18.65
CA PHE A 270 0.28 24.91 -17.42
C PHE A 270 1.02 23.56 -17.36
N LYS A 271 1.41 23.05 -18.53
CA LYS A 271 2.05 21.74 -18.62
C LYS A 271 3.56 21.68 -18.36
N ASP A 272 4.25 22.81 -18.30
CA ASP A 272 5.69 22.78 -17.96
C ASP A 272 5.83 22.40 -16.48
N SER A 273 6.91 21.68 -16.15
CA SER A 273 7.16 21.21 -14.79
C SER A 273 8.28 22.01 -14.13
N GLY A 274 8.33 22.00 -12.81
CA GLY A 274 9.36 22.70 -12.04
C GLY A 274 9.23 24.21 -12.08
N VAL A 275 8.00 24.73 -12.15
CA VAL A 275 7.80 26.17 -12.15
C VAL A 275 6.87 26.58 -11.02
N HIS A 276 6.91 27.89 -10.72
CA HIS A 276 6.01 28.49 -9.76
C HIS A 276 5.11 29.44 -10.54
N TRP A 277 3.81 29.19 -10.49
CA TRP A 277 2.81 30.04 -11.14
C TRP A 277 2.31 31.04 -10.13
N SER A 278 2.35 32.31 -10.48
CA SER A 278 1.97 33.39 -9.59
C SER A 278 1.06 34.36 -10.30
N TRP A 279 0.13 34.95 -9.54
CA TRP A 279 -0.75 36.00 -10.04
C TRP A 279 -0.67 37.28 -9.20
N ALA A 285 -0.90 34.61 -15.66
CA ALA A 285 0.01 34.16 -14.60
C ALA A 285 1.47 34.52 -14.92
N GLY A 286 2.21 34.95 -13.92
CA GLY A 286 3.68 35.02 -14.00
C GLY A 286 4.26 33.61 -13.79
N ARG A 287 5.37 33.32 -14.46
CA ARG A 287 6.04 32.03 -14.37
C ARG A 287 7.47 32.22 -13.92
N GLU A 288 7.87 31.46 -12.89
CA GLU A 288 9.25 31.42 -12.42
C GLU A 288 9.71 29.97 -12.41
N ALA A 289 10.76 29.67 -13.17
CA ALA A 289 11.42 28.37 -13.08
C ALA A 289 12.23 28.33 -11.79
N PHE A 290 12.54 27.13 -11.31
CA PHE A 290 13.40 26.94 -10.14
C PHE A 290 14.85 26.70 -10.55
N SER A 299 21.31 28.49 -3.90
CA SER A 299 21.43 27.98 -2.52
C SER A 299 20.13 27.42 -2.00
N ASP A 300 18.98 27.93 -2.48
CA ASP A 300 17.70 27.26 -2.25
C ASP A 300 17.76 25.82 -2.76
N ALA A 301 18.50 25.59 -3.85
CA ALA A 301 18.68 24.23 -4.38
C ALA A 301 19.36 23.29 -3.39
N GLN A 302 20.44 23.75 -2.74
CA GLN A 302 21.12 22.95 -1.70
C GLN A 302 20.33 22.76 -0.42
N LYS A 303 19.70 23.84 0.03
CA LYS A 303 18.79 23.78 1.16
C LYS A 303 17.62 22.85 0.89
N ALA A 304 17.12 22.86 -0.34
CA ALA A 304 16.00 21.99 -0.72
C ALA A 304 16.36 20.51 -0.57
N GLN A 305 17.57 20.15 -0.97
CA GLN A 305 18.03 18.76 -0.89
C GLN A 305 18.13 18.25 0.56
N ARG A 306 18.69 19.09 1.42
CA ARG A 306 18.76 18.84 2.86
C ARG A 306 17.36 18.75 3.49
N MET A 307 16.48 19.69 3.15
CA MET A 307 15.06 19.67 3.60
C MET A 307 14.47 18.31 3.27
N TRP A 308 14.70 17.84 2.03
CA TRP A 308 14.18 16.56 1.57
C TRP A 308 14.71 15.37 2.38
N ASP A 309 16.04 15.27 2.45
CA ASP A 309 16.67 14.15 3.16
C ASP A 309 16.23 14.08 4.64
N LEU A 310 16.18 15.21 5.31
CA LEU A 310 15.81 15.23 6.71
C LEU A 310 14.31 14.97 6.90
N SER A 311 13.50 15.51 6.01
CA SER A 311 12.06 15.25 6.08
C SER A 311 11.73 13.76 5.90
N GLU A 312 12.44 13.06 5.03
CA GLU A 312 12.27 11.61 4.91
C GLU A 312 12.41 10.92 6.27
N LYS A 313 13.44 11.29 7.03
CA LYS A 313 13.68 10.71 8.34
C LYS A 313 12.55 11.03 9.31
N LEU A 314 12.11 12.28 9.30
CA LEU A 314 11.08 12.71 10.23
C LEU A 314 9.71 12.05 10.01
N VAL A 315 9.41 11.69 8.76
CA VAL A 315 8.11 11.09 8.43
C VAL A 315 8.15 9.58 8.29
N GLY A 316 9.31 8.99 8.53
CA GLY A 316 9.45 7.54 8.52
C GLY A 316 9.49 6.92 7.14
N LEU A 317 10.01 7.63 6.14
CA LEU A 317 10.21 7.03 4.83
C LEU A 317 11.49 6.19 4.77
N VAL A 318 12.40 6.34 5.74
CA VAL A 318 13.71 5.63 5.69
C VAL A 318 14.02 4.88 6.98
N MET B 1 21.55 -13.43 15.06
CA MET B 1 20.20 -12.88 14.75
C MET B 1 19.11 -13.97 14.82
N LYS B 2 17.88 -13.54 15.05
CA LYS B 2 16.74 -14.45 15.06
C LYS B 2 16.60 -15.17 13.69
N PRO B 3 16.20 -16.45 13.71
CA PRO B 3 15.97 -17.12 12.43
C PRO B 3 14.84 -16.44 11.62
N THR B 4 15.03 -16.36 10.31
CA THR B 4 14.16 -15.57 9.46
C THR B 4 13.28 -16.43 8.56
N VAL B 5 11.97 -16.15 8.60
CA VAL B 5 11.01 -16.81 7.75
C VAL B 5 10.20 -15.78 6.95
N ILE B 6 10.01 -16.05 5.65
CA ILE B 6 9.08 -15.26 4.83
C ILE B 6 7.72 -15.96 4.79
N ILE B 7 6.66 -15.20 5.05
CA ILE B 7 5.28 -15.71 4.94
C ILE B 7 4.55 -14.82 3.98
N THR B 8 4.10 -15.38 2.85
CA THR B 8 3.27 -14.61 1.92
C THR B 8 1.84 -14.54 2.45
N GLY B 9 1.19 -13.41 2.23
CA GLY B 9 -0.19 -13.25 2.70
C GLY B 9 -0.35 -13.33 4.21
N ALA B 10 0.46 -12.55 4.92
CA ALA B 10 0.47 -12.57 6.39
C ALA B 10 -0.43 -11.48 7.01
N SER B 11 -1.31 -10.87 6.21
CA SER B 11 -2.20 -9.82 6.69
C SER B 11 -3.60 -10.34 7.04
N SER B 12 -3.82 -11.64 6.90
CA SER B 12 -5.10 -12.27 7.18
C SER B 12 -4.91 -13.73 7.53
N GLY B 13 -5.87 -14.27 8.30
CA GLY B 13 -6.04 -15.68 8.46
C GLY B 13 -4.83 -16.49 8.91
N VAL B 14 -4.60 -17.60 8.20
CA VAL B 14 -3.51 -18.54 8.54
C VAL B 14 -2.14 -17.86 8.54
N GLY B 15 -1.87 -17.05 7.52
CA GLY B 15 -0.61 -16.34 7.39
C GLY B 15 -0.37 -15.40 8.56
N LEU B 16 -1.40 -14.68 8.95
CA LEU B 16 -1.29 -13.74 10.06
C LEU B 16 -1.02 -14.47 11.37
N TYR B 17 -1.78 -15.53 11.63
CA TYR B 17 -1.62 -16.29 12.87
C TYR B 17 -0.37 -17.18 12.86
N GLY B 18 0.08 -17.59 11.68
CA GLY B 18 1.38 -18.24 11.52
C GLY B 18 2.52 -17.29 11.88
N ALA B 19 2.43 -16.05 11.42
CA ALA B 19 3.37 -15.00 11.80
C ALA B 19 3.38 -14.82 13.33
N LYS B 20 2.19 -14.75 13.92
CA LYS B 20 2.08 -14.60 15.38
C LYS B 20 2.80 -15.74 16.10
N ALA B 21 2.50 -16.97 15.70
CA ALA B 21 3.08 -18.15 16.37
C ALA B 21 4.61 -18.22 16.18
N LEU B 22 5.09 -17.88 14.99
CA LEU B 22 6.54 -17.88 14.75
C LEU B 22 7.29 -16.75 15.49
N ILE B 23 6.69 -15.56 15.56
CA ILE B 23 7.21 -14.50 16.42
C ILE B 23 7.33 -15.02 17.86
N ASP B 24 6.29 -15.71 18.35
CA ASP B 24 6.28 -16.23 19.72
C ASP B 24 7.37 -17.28 19.93
N LYS B 25 7.74 -17.99 18.87
CA LYS B 25 8.85 -18.97 18.92
C LYS B 25 10.25 -18.36 18.75
N GLY B 26 10.36 -17.04 18.63
CA GLY B 26 11.66 -16.38 18.52
C GLY B 26 12.13 -16.16 17.09
N TRP B 27 11.23 -16.22 16.11
CA TRP B 27 11.63 -15.93 14.71
C TRP B 27 11.38 -14.48 14.31
N HIS B 28 12.12 -14.05 13.30
CA HIS B 28 11.87 -12.81 12.62
C HIS B 28 11.02 -13.13 11.39
N VAL B 29 9.84 -12.55 11.32
CA VAL B 29 8.92 -12.83 10.22
C VAL B 29 8.91 -11.72 9.19
N ILE B 30 9.16 -12.09 7.94
CA ILE B 30 8.98 -11.16 6.84
C ILE B 30 7.52 -11.34 6.38
N MET B 31 6.70 -10.31 6.63
CA MET B 31 5.30 -10.29 6.22
C MET B 31 5.27 -9.76 4.79
N ALA B 32 5.19 -10.70 3.86
CA ALA B 32 5.27 -10.40 2.43
C ALA B 32 3.87 -10.20 1.91
N CYS B 33 3.44 -8.95 1.84
CA CYS B 33 2.04 -8.61 1.72
C CYS B 33 1.79 -7.51 0.70
N ARG B 34 0.59 -7.49 0.17
CA ARG B 34 0.26 -6.56 -0.91
C ARG B 34 -0.24 -5.22 -0.39
N ASN B 35 -0.84 -5.22 0.81
CA ASN B 35 -1.47 -4.03 1.37
C ASN B 35 -0.73 -3.65 2.65
N LEU B 36 0.18 -2.69 2.53
CA LEU B 36 1.06 -2.35 3.64
C LEU B 36 0.32 -1.75 4.81
N ASP B 37 -0.68 -0.91 4.53
CA ASP B 37 -1.46 -0.28 5.59
C ASP B 37 -2.23 -1.32 6.35
N LYS B 38 -2.90 -2.23 5.66
CA LYS B 38 -3.65 -3.28 6.32
C LYS B 38 -2.74 -4.19 7.15
N THR B 39 -1.57 -4.53 6.60
CA THR B 39 -0.62 -5.39 7.28
C THR B 39 -0.14 -4.74 8.60
N GLN B 40 0.21 -3.46 8.54
CA GLN B 40 0.66 -2.75 9.74
C GLN B 40 -0.45 -2.69 10.78
N LYS B 41 -1.67 -2.39 10.34
CA LYS B 41 -2.81 -2.36 11.24
C LYS B 41 -3.03 -3.68 11.98
N VAL B 42 -3.00 -4.81 11.26
CA VAL B 42 -3.29 -6.12 11.89
C VAL B 42 -2.16 -6.60 12.80
N ALA B 43 -0.91 -6.31 12.45
CA ALA B 43 0.21 -6.58 13.30
C ALA B 43 0.09 -5.84 14.63
N ASP B 44 -0.21 -4.54 14.55
CA ASP B 44 -0.41 -3.73 15.76
C ASP B 44 -1.60 -4.22 16.59
N GLU B 45 -2.69 -4.60 15.93
CA GLU B 45 -3.88 -5.13 16.61
C GLU B 45 -3.63 -6.38 17.43
N LEU B 46 -2.67 -7.19 16.98
CA LEU B 46 -2.24 -8.37 17.71
C LEU B 46 -1.00 -8.12 18.56
N GLY B 47 -0.52 -6.87 18.64
CA GLY B 47 0.63 -6.54 19.45
C GLY B 47 1.94 -7.13 19.04
N PHE B 48 2.14 -7.35 17.74
CA PHE B 48 3.42 -7.86 17.26
C PHE B 48 4.53 -6.91 17.70
N PRO B 49 5.62 -7.44 18.29
CA PRO B 49 6.76 -6.57 18.57
C PRO B 49 7.50 -6.20 17.29
N LYS B 50 7.76 -4.91 17.09
CA LYS B 50 8.33 -4.43 15.83
C LYS B 50 9.75 -4.88 15.55
N ASP B 51 10.48 -5.25 16.61
CA ASP B 51 11.81 -5.85 16.43
C ASP B 51 11.80 -7.29 15.88
N SER B 52 10.62 -7.93 15.77
CA SER B 52 10.51 -9.32 15.32
C SER B 52 9.87 -9.53 13.94
N TYR B 53 9.54 -8.45 13.22
CA TYR B 53 9.01 -8.56 11.85
C TYR B 53 9.36 -7.38 10.97
N THR B 54 9.29 -7.62 9.66
CA THR B 54 9.45 -6.61 8.63
C THR B 54 8.37 -6.81 7.59
N ILE B 55 7.69 -5.72 7.22
CA ILE B 55 6.67 -5.75 6.16
C ILE B 55 7.36 -5.37 4.88
N ILE B 56 7.27 -6.23 3.87
CA ILE B 56 7.78 -5.92 2.53
C ILE B 56 6.68 -6.19 1.52
N LYS B 57 6.53 -5.25 0.60
CA LYS B 57 5.54 -5.29 -0.44
C LYS B 57 5.72 -6.51 -1.36
N LEU B 58 4.65 -7.25 -1.57
CA LEU B 58 4.59 -8.35 -2.53
C LEU B 58 3.20 -8.46 -3.08
N ASP B 59 3.06 -8.34 -4.40
CA ASP B 59 1.84 -8.66 -5.09
C ASP B 59 2.06 -9.84 -6.04
N LEU B 60 1.56 -11.00 -5.62
CA LEU B 60 1.77 -12.25 -6.36
C LEU B 60 1.13 -12.29 -7.74
N GLY B 61 0.20 -11.34 -8.01
CA GLY B 61 -0.42 -11.23 -9.34
C GLY B 61 0.35 -10.38 -10.32
N TYR B 62 1.57 -9.99 -9.96
CA TYR B 62 2.46 -9.16 -10.79
C TYR B 62 3.81 -9.81 -10.68
N LEU B 63 4.24 -10.51 -11.72
CA LEU B 63 5.51 -11.25 -11.63
C LEU B 63 6.68 -10.32 -11.33
N ASP B 64 6.64 -9.09 -11.86
CA ASP B 64 7.69 -8.13 -11.52
C ASP B 64 7.65 -7.64 -10.08
N SER B 65 6.48 -7.62 -9.45
CA SER B 65 6.39 -7.41 -8.01
C SER B 65 7.11 -8.54 -7.22
N VAL B 66 6.94 -9.79 -7.67
CA VAL B 66 7.64 -10.93 -7.06
C VAL B 66 9.15 -10.68 -7.08
N ARG B 67 9.66 -10.30 -8.26
CA ARG B 67 11.09 -10.01 -8.42
CA ARG B 67 11.09 -9.98 -8.44
C ARG B 67 11.55 -8.85 -7.53
N ARG B 68 10.77 -7.76 -7.50
CA ARG B 68 11.08 -6.62 -6.60
C ARG B 68 11.05 -6.99 -5.12
N PHE B 69 10.09 -7.81 -4.73
CA PHE B 69 10.05 -8.32 -3.35
C PHE B 69 11.37 -9.01 -3.00
N VAL B 70 11.83 -9.90 -3.88
CA VAL B 70 13.06 -10.66 -3.63
C VAL B 70 14.24 -9.69 -3.46
N ALA B 71 14.35 -8.71 -4.35
CA ALA B 71 15.41 -7.68 -4.27
C ALA B 71 15.34 -6.94 -2.93
N GLN B 72 14.15 -6.49 -2.54
CA GLN B 72 14.02 -5.77 -1.27
C GLN B 72 14.33 -6.65 -0.04
N PHE B 73 13.91 -7.92 -0.10
CA PHE B 73 14.23 -8.87 0.97
C PHE B 73 15.74 -8.99 1.12
N ARG B 74 16.43 -9.15 0.00
CA ARG B 74 17.89 -9.27 0.00
C ARG B 74 18.62 -8.07 0.61
N GLU B 75 18.05 -6.87 0.44
CA GLU B 75 18.65 -5.66 0.99
C GLU B 75 18.73 -5.69 2.52
N LEU B 76 17.87 -6.46 3.18
CA LEU B 76 17.90 -6.58 4.64
C LEU B 76 19.12 -7.29 5.19
N GLY B 77 19.76 -8.14 4.38
CA GLY B 77 20.92 -8.89 4.83
C GLY B 77 20.61 -9.92 5.90
N ARG B 78 19.41 -10.51 5.83
CA ARG B 78 19.01 -11.57 6.76
C ARG B 78 19.04 -12.87 6.00
N PRO B 79 19.86 -13.83 6.44
CA PRO B 79 19.84 -15.11 5.72
C PRO B 79 18.46 -15.77 5.81
N LEU B 80 18.01 -16.40 4.73
CA LEU B 80 16.67 -17.03 4.69
C LEU B 80 16.65 -18.48 5.14
N LYS B 81 16.02 -18.74 6.28
CA LYS B 81 15.90 -20.11 6.82
C LYS B 81 14.65 -20.85 6.35
N ALA B 82 13.55 -20.13 6.16
CA ALA B 82 12.32 -20.74 5.75
C ALA B 82 11.43 -19.83 4.92
N LEU B 83 10.64 -20.45 4.06
CA LEU B 83 9.66 -19.73 3.23
C LEU B 83 8.33 -20.44 3.39
N VAL B 84 7.26 -19.69 3.62
CA VAL B 84 5.90 -20.22 3.66
C VAL B 84 5.07 -19.58 2.55
N CYS B 85 4.66 -20.38 1.55
CA CYS B 85 3.78 -19.92 0.50
C CYS B 85 2.36 -20.14 0.99
N ASN B 86 1.80 -19.08 1.54
CA ASN B 86 0.50 -19.13 2.19
C ASN B 86 -0.58 -18.37 1.45
N ALA B 87 -0.23 -17.24 0.80
CA ALA B 87 -1.25 -16.36 0.21
C ALA B 87 -2.13 -17.10 -0.77
N ALA B 88 -3.42 -16.73 -0.82
CA ALA B 88 -4.31 -17.22 -1.85
C ALA B 88 -5.49 -16.28 -2.06
N VAL B 89 -6.07 -16.36 -3.25
CA VAL B 89 -7.35 -15.73 -3.57
C VAL B 89 -8.34 -16.75 -4.06
N TYR B 90 -9.60 -16.45 -3.84
CA TYR B 90 -10.72 -17.24 -4.31
C TYR B 90 -11.86 -16.24 -4.60
N PHE B 91 -12.43 -16.32 -5.80
CA PHE B 91 -13.53 -15.48 -6.27
C PHE B 91 -14.84 -16.28 -6.42
N PRO B 92 -15.55 -16.52 -5.31
CA PRO B 92 -16.75 -17.36 -5.32
C PRO B 92 -17.90 -16.80 -6.13
N LEU B 93 -18.02 -15.47 -6.18
CA LEU B 93 -19.14 -14.81 -6.86
C LEU B 93 -18.65 -14.14 -8.11
N LEU B 94 -18.07 -14.94 -9.00
CA LEU B 94 -17.50 -14.43 -10.22
C LEU B 94 -17.76 -15.35 -11.39
N ASP B 95 -18.28 -14.79 -12.47
CA ASP B 95 -18.63 -15.55 -13.66
C ASP B 95 -17.63 -15.41 -14.81
N GLU B 96 -16.97 -14.26 -14.88
CA GLU B 96 -16.00 -13.97 -15.94
C GLU B 96 -14.64 -13.85 -15.27
N PRO B 97 -13.59 -14.42 -15.90
CA PRO B 97 -12.27 -14.39 -15.25
C PRO B 97 -11.72 -13.00 -15.01
N LEU B 98 -10.98 -12.84 -13.93
CA LEU B 98 -10.15 -11.66 -13.71
C LEU B 98 -8.73 -12.00 -14.19
N TRP B 99 -7.98 -10.96 -14.54
CA TRP B 99 -6.66 -11.09 -15.15
C TRP B 99 -5.59 -10.50 -14.27
N SER B 100 -4.46 -11.20 -14.17
CA SER B 100 -3.28 -10.65 -13.49
C SER B 100 -2.65 -9.54 -14.33
N ALA B 101 -1.63 -8.90 -13.77
CA ALA B 101 -0.84 -7.90 -14.49
C ALA B 101 -0.11 -8.49 -15.70
N ASP B 102 0.06 -9.81 -15.74
CA ASP B 102 0.69 -10.47 -16.87
C ASP B 102 -0.33 -11.24 -17.73
N ASP B 103 -1.60 -10.84 -17.66
CA ASP B 103 -2.69 -11.41 -18.46
C ASP B 103 -2.93 -12.90 -18.27
N TYR B 104 -2.76 -13.36 -17.02
CA TYR B 104 -3.00 -14.74 -16.66
C TYR B 104 -4.22 -14.76 -15.73
N GLU B 105 -5.04 -15.80 -15.83
CA GLU B 105 -6.23 -15.89 -14.96
C GLU B 105 -5.78 -15.70 -13.51
N LEU B 106 -6.51 -14.87 -12.77
CA LEU B 106 -5.99 -14.31 -11.53
C LEU B 106 -5.79 -15.32 -10.39
N SER B 107 -6.70 -16.30 -10.26
CA SER B 107 -6.59 -17.36 -9.23
C SER B 107 -5.31 -18.18 -9.39
N VAL B 108 -5.12 -18.73 -10.57
CA VAL B 108 -3.92 -19.49 -10.89
C VAL B 108 -2.66 -18.58 -10.87
N ALA B 109 -2.77 -17.38 -11.44
CA ALA B 109 -1.65 -16.44 -11.45
C ALA B 109 -1.16 -16.10 -10.03
N THR B 110 -2.11 -15.86 -9.11
CA THR B 110 -1.78 -15.44 -7.76
C THR B 110 -1.35 -16.63 -6.94
N ASN B 111 -2.16 -17.68 -6.92
CA ASN B 111 -1.97 -18.78 -5.98
C ASN B 111 -0.80 -19.67 -6.37
N HIS B 112 -0.70 -19.93 -7.66
CA HIS B 112 0.34 -20.78 -8.20
C HIS B 112 1.50 -20.00 -8.83
N LEU B 113 1.24 -19.28 -9.93
CA LEU B 113 2.36 -18.78 -10.75
C LEU B 113 3.27 -17.80 -10.00
N GLY B 114 2.71 -16.89 -9.22
CA GLY B 114 3.52 -15.95 -8.44
C GLY B 114 4.37 -16.68 -7.40
N HIS B 115 3.76 -17.65 -6.73
CA HIS B 115 4.49 -18.51 -5.77
C HIS B 115 5.55 -19.36 -6.45
N PHE B 116 5.24 -19.90 -7.62
CA PHE B 116 6.16 -20.73 -8.39
C PHE B 116 7.45 -19.95 -8.71
N LEU B 117 7.29 -18.72 -9.21
CA LEU B 117 8.45 -17.85 -9.42
C LEU B 117 9.16 -17.54 -8.11
N LEU B 118 8.40 -17.19 -7.08
CA LEU B 118 8.97 -16.82 -5.79
C LEU B 118 9.82 -17.96 -5.25
N CYS B 119 9.31 -19.19 -5.31
CA CYS B 119 10.05 -20.37 -4.85
C CYS B 119 11.37 -20.54 -5.57
N ASN B 120 11.32 -20.46 -6.89
CA ASN B 120 12.52 -20.58 -7.70
C ASN B 120 13.55 -19.49 -7.44
N LEU B 121 13.11 -18.25 -7.25
CA LEU B 121 14.05 -17.16 -6.94
C LEU B 121 14.67 -17.34 -5.56
N LEU B 122 13.83 -17.63 -4.58
CA LEU B 122 14.26 -17.74 -3.20
C LEU B 122 15.00 -19.04 -2.86
N LEU B 123 14.98 -20.01 -3.76
CA LEU B 123 15.80 -21.19 -3.61
C LEU B 123 17.29 -20.83 -3.43
N GLU B 124 17.71 -19.78 -4.13
CA GLU B 124 19.10 -19.31 -4.04
C GLU B 124 19.38 -18.76 -2.64
N ASP B 125 18.42 -18.03 -2.09
CA ASP B 125 18.53 -17.50 -0.73
C ASP B 125 18.52 -18.61 0.32
N LEU B 126 17.63 -19.60 0.18
CA LEU B 126 17.61 -20.76 1.08
C LEU B 126 18.95 -21.52 0.98
N LYS B 127 19.44 -21.72 -0.22
CA LYS B 127 20.75 -22.38 -0.39
C LYS B 127 21.88 -21.62 0.30
N ALA B 128 21.86 -20.29 0.23
CA ALA B 128 22.92 -19.47 0.79
C ALA B 128 22.92 -19.45 2.31
N CYS B 129 21.76 -19.60 2.93
CA CYS B 129 21.64 -19.61 4.37
C CYS B 129 22.43 -20.80 4.93
N PRO B 130 23.26 -20.57 5.94
CA PRO B 130 24.15 -21.66 6.38
C PRO B 130 23.49 -22.73 7.25
N ASP B 131 22.28 -22.47 7.75
CA ASP B 131 21.63 -23.40 8.68
C ASP B 131 21.48 -24.78 8.06
N ALA B 132 21.64 -25.82 8.87
CA ALA B 132 21.43 -27.17 8.43
C ALA B 132 19.94 -27.43 8.16
N ASP B 133 19.07 -26.81 8.96
CA ASP B 133 17.62 -27.06 8.90
C ASP B 133 16.96 -25.85 8.25
N LYS B 134 16.57 -26.02 6.99
CA LYS B 134 15.91 -24.96 6.21
C LYS B 134 14.71 -25.58 5.48
N ARG B 135 13.61 -24.83 5.37
CA ARG B 135 12.32 -25.41 4.98
C ARG B 135 11.52 -24.48 4.08
N LEU B 136 10.87 -25.07 3.09
CA LEU B 136 9.96 -24.38 2.21
C LEU B 136 8.61 -25.11 2.30
N ILE B 137 7.63 -24.41 2.86
CA ILE B 137 6.33 -24.95 3.19
C ILE B 137 5.30 -24.30 2.28
N ILE B 138 4.45 -25.13 1.67
CA ILE B 138 3.40 -24.64 0.80
C ILE B 138 2.05 -25.04 1.36
N LEU B 139 1.14 -24.06 1.50
CA LEU B 139 -0.22 -24.36 1.99
C LEU B 139 -0.98 -25.03 0.88
N GLY B 140 -1.52 -26.22 1.17
CA GLY B 140 -2.09 -27.07 0.13
C GLY B 140 -3.53 -27.49 0.34
N THR B 141 -3.84 -28.69 -0.14
CA THR B 141 -5.18 -29.28 -0.12
C THR B 141 -5.32 -30.27 1.02
N VAL B 142 -6.52 -30.80 1.23
CA VAL B 142 -6.79 -31.75 2.35
C VAL B 142 -5.85 -32.97 2.28
N THR B 143 -5.81 -33.59 1.10
CA THR B 143 -5.03 -34.82 0.86
C THR B 143 -4.03 -34.67 -0.28
N ALA B 144 -3.02 -35.53 -0.27
CA ALA B 144 -1.95 -35.48 -1.27
C ALA B 144 -2.25 -36.07 -2.63
N ASN B 145 -3.20 -36.99 -2.74
CA ASN B 145 -3.65 -37.43 -4.06
C ASN B 145 -4.73 -36.52 -4.64
N SER B 146 -4.51 -36.11 -5.89
CA SER B 146 -5.46 -35.26 -6.64
C SER B 146 -6.84 -35.90 -6.80
N LYS B 147 -6.86 -37.23 -6.91
CA LYS B 147 -8.07 -38.01 -7.14
C LYS B 147 -9.06 -37.96 -5.97
N GLU B 148 -8.54 -37.77 -4.77
CA GLU B 148 -9.36 -37.67 -3.55
C GLU B 148 -9.82 -36.24 -3.22
N LEU B 149 -9.46 -35.27 -4.07
CA LEU B 149 -9.84 -33.86 -3.85
C LEU B 149 -11.23 -33.49 -4.37
N GLY B 150 -11.95 -34.46 -4.93
CA GLY B 150 -13.31 -34.22 -5.42
C GLY B 150 -14.37 -34.38 -4.35
N GLY B 151 -15.44 -33.61 -4.49
CA GLY B 151 -16.68 -33.85 -3.78
C GLY B 151 -16.68 -33.69 -2.27
N LYS B 152 -15.74 -32.92 -1.76
CA LYS B 152 -15.75 -32.47 -0.39
C LYS B 152 -15.79 -30.94 -0.36
N ILE B 153 -16.38 -30.39 0.69
CA ILE B 153 -16.42 -28.93 0.85
C ILE B 153 -15.04 -28.28 0.98
N PRO B 154 -14.89 -26.98 0.70
CA PRO B 154 -15.98 -26.06 0.30
C PRO B 154 -16.39 -26.07 -1.16
N ILE B 155 -15.53 -26.59 -2.03
CA ILE B 155 -15.72 -26.57 -3.47
C ILE B 155 -15.75 -28.05 -3.92
N PRO B 156 -16.94 -28.63 -4.10
CA PRO B 156 -17.07 -30.02 -4.59
C PRO B 156 -16.37 -30.37 -5.92
N ALA B 157 -16.28 -29.41 -6.85
CA ALA B 157 -15.69 -29.71 -8.18
C ALA B 157 -14.26 -30.14 -7.96
N PRO B 158 -13.89 -31.31 -8.50
CA PRO B 158 -12.50 -31.66 -8.40
C PRO B 158 -11.62 -30.84 -9.36
N PRO B 159 -10.33 -30.71 -9.03
CA PRO B 159 -9.44 -30.08 -9.98
C PRO B 159 -9.25 -30.99 -11.18
N ASP B 160 -8.86 -30.42 -12.30
CA ASP B 160 -8.52 -31.22 -13.45
C ASP B 160 -7.66 -30.38 -14.36
N LEU B 161 -6.39 -30.74 -14.43
CA LEU B 161 -5.41 -30.02 -15.23
C LEU B 161 -5.37 -30.53 -16.66
N GLY B 162 -6.14 -31.57 -16.98
CA GLY B 162 -6.16 -32.15 -18.33
C GLY B 162 -4.74 -32.47 -18.75
N ASN B 163 -4.36 -32.06 -19.96
CA ASN B 163 -2.97 -32.15 -20.41
C ASN B 163 -2.29 -30.79 -20.46
N PHE B 164 -2.71 -29.88 -19.57
CA PHE B 164 -2.18 -28.53 -19.48
C PHE B 164 -2.28 -27.75 -20.79
N GLU B 165 -3.35 -27.99 -21.54
CA GLU B 165 -3.53 -27.37 -22.86
C GLU B 165 -3.51 -25.84 -22.81
N GLY B 166 -4.07 -25.28 -21.74
CA GLY B 166 -4.04 -23.83 -21.51
C GLY B 166 -2.64 -23.31 -21.28
N PHE B 167 -1.87 -24.02 -20.46
CA PHE B 167 -0.46 -23.70 -20.22
C PHE B 167 0.37 -23.84 -21.48
N GLU B 168 0.17 -24.95 -22.19
CA GLU B 168 0.93 -25.23 -23.42
C GLU B 168 0.69 -24.19 -24.54
N ALA B 169 -0.52 -23.62 -24.60
CA ALA B 169 -0.83 -22.49 -25.52
C ALA B 169 -0.37 -21.12 -25.00
N GLY B 170 0.34 -21.07 -23.86
CA GLY B 170 0.90 -19.83 -23.31
C GLY B 170 0.10 -19.18 -22.20
N PHE B 171 -1.11 -19.66 -21.94
CA PHE B 171 -1.96 -19.23 -20.81
C PHE B 171 -2.41 -17.76 -20.82
N LYS B 172 -2.19 -17.01 -21.91
CA LYS B 172 -2.55 -15.58 -21.93
C LYS B 172 -4.04 -15.46 -22.18
N LYS B 173 -4.65 -14.47 -21.55
CA LYS B 173 -6.02 -14.03 -21.89
C LYS B 173 -6.22 -14.08 -23.43
N PRO B 174 -7.31 -14.65 -23.95
CA PRO B 174 -8.52 -15.08 -23.21
C PRO B 174 -8.51 -16.50 -22.60
N ILE B 175 -7.38 -17.22 -22.68
CA ILE B 175 -7.28 -18.52 -22.02
C ILE B 175 -7.55 -18.30 -20.52
N ALA B 176 -8.41 -19.13 -19.93
CA ALA B 176 -8.88 -18.90 -18.55
C ALA B 176 -8.75 -20.09 -17.61
N MET B 177 -8.37 -21.27 -18.13
CA MET B 177 -8.19 -22.48 -17.32
C MET B 177 -6.95 -23.23 -17.80
N ILE B 178 -6.34 -24.00 -16.90
CA ILE B 178 -5.09 -24.72 -17.20
C ILE B 178 -5.31 -25.75 -18.31
N ASN B 179 -6.51 -26.36 -18.36
CA ASN B 179 -6.84 -27.30 -19.44
C ASN B 179 -7.51 -26.65 -20.68
N ASN B 180 -7.56 -25.31 -20.70
CA ASN B 180 -8.14 -24.52 -21.78
C ASN B 180 -9.65 -24.67 -21.99
N LYS B 181 -10.38 -25.13 -20.98
CA LYS B 181 -11.81 -25.20 -21.02
C LYS B 181 -12.40 -23.91 -20.41
N LYS B 182 -13.72 -23.85 -20.30
CA LYS B 182 -14.39 -22.61 -19.96
C LYS B 182 -14.16 -22.26 -18.48
N PHE B 183 -14.02 -20.96 -18.21
CA PHE B 183 -13.74 -20.47 -16.87
C PHE B 183 -14.78 -20.92 -15.84
N LYS B 184 -14.29 -21.44 -14.71
CA LYS B 184 -15.11 -21.73 -13.55
C LYS B 184 -14.28 -21.34 -12.34
N SER B 185 -14.79 -20.39 -11.53
CA SER B 185 -13.97 -19.78 -10.50
C SER B 185 -13.62 -20.74 -9.36
N GLY B 186 -14.56 -21.58 -8.95
CA GLY B 186 -14.30 -22.59 -7.93
C GLY B 186 -13.25 -23.60 -8.39
N LYS B 187 -13.45 -24.13 -9.61
CA LYS B 187 -12.48 -25.06 -10.17
C LYS B 187 -11.13 -24.39 -10.37
N ALA B 188 -11.12 -23.13 -10.81
CA ALA B 188 -9.86 -22.38 -10.98
C ALA B 188 -9.07 -22.38 -9.67
N TYR B 189 -9.76 -22.12 -8.55
CA TYR B 189 -9.12 -22.20 -7.24
C TYR B 189 -8.53 -23.60 -6.98
N LYS B 190 -9.34 -24.62 -7.18
CA LYS B 190 -8.91 -26.00 -6.90
C LYS B 190 -7.72 -26.37 -7.76
N ASP B 191 -7.76 -25.98 -9.03
CA ASP B 191 -6.67 -26.23 -9.97
C ASP B 191 -5.39 -25.59 -9.48
N SER B 192 -5.50 -24.34 -9.01
CA SER B 192 -4.35 -23.62 -8.49
C SER B 192 -3.75 -24.31 -7.26
N LYS B 193 -4.61 -24.80 -6.38
CA LYS B 193 -4.14 -25.48 -5.16
C LYS B 193 -3.49 -26.84 -5.47
N LEU B 194 -4.00 -27.54 -6.48
CA LEU B 194 -3.35 -28.77 -6.93
C LEU B 194 -1.94 -28.44 -7.47
N CYS B 195 -1.83 -27.33 -8.20
CA CYS B 195 -0.52 -26.87 -8.69
C CYS B 195 0.43 -26.56 -7.54
N ASN B 196 -0.09 -26.01 -6.44
CA ASN B 196 0.70 -25.84 -5.23
C ASN B 196 1.27 -27.18 -4.71
N MET B 197 0.40 -28.19 -4.65
CA MET B 197 0.78 -29.53 -4.18
C MET B 197 1.81 -30.18 -5.12
N LEU B 198 1.58 -30.03 -6.42
CA LEU B 198 2.51 -30.57 -7.40
C LEU B 198 3.86 -29.86 -7.34
N THR B 199 3.84 -28.56 -7.05
CA THR B 199 5.05 -27.78 -6.87
C THR B 199 5.89 -28.34 -5.72
N THR B 200 5.26 -28.60 -4.58
CA THR B 200 5.96 -29.20 -3.45
C THR B 200 6.64 -30.53 -3.84
N ARG B 201 5.86 -31.39 -4.49
CA ARG B 201 6.37 -32.69 -4.96
C ARG B 201 7.62 -32.52 -5.83
N GLU B 202 7.57 -31.56 -6.76
CA GLU B 202 8.69 -31.28 -7.66
C GLU B 202 9.90 -30.60 -7.01
N LEU B 203 9.65 -29.67 -6.08
CA LEU B 203 10.74 -29.06 -5.32
C LEU B 203 11.54 -30.16 -4.59
N HIS B 204 10.83 -31.05 -3.92
CA HIS B 204 11.47 -32.18 -3.24
C HIS B 204 12.26 -33.05 -4.22
N ARG B 205 11.61 -33.48 -5.29
CA ARG B 205 12.26 -34.39 -6.24
C ARG B 205 13.52 -33.76 -6.87
N ARG B 206 13.39 -32.49 -7.30
CA ARG B 206 14.47 -31.81 -8.00
C ARG B 206 15.60 -31.37 -7.07
N PHE B 207 15.27 -30.98 -5.83
CA PHE B 207 16.22 -30.24 -5.01
C PHE B 207 16.55 -30.77 -3.61
N HIS B 208 15.79 -31.72 -3.06
CA HIS B 208 16.05 -32.13 -1.69
C HIS B 208 17.44 -32.77 -1.55
N GLN B 209 17.75 -33.72 -2.43
CA GLN B 209 19.04 -34.40 -2.36
C GLN B 209 20.21 -33.45 -2.58
N GLU B 210 20.09 -32.55 -3.55
CA GLU B 210 21.15 -31.57 -3.84
C GLU B 210 21.37 -30.54 -2.71
N THR B 211 20.29 -30.07 -2.07
CA THR B 211 20.38 -28.90 -1.18
C THR B 211 20.20 -29.19 0.30
N GLY B 212 19.57 -30.30 0.63
CA GLY B 212 19.19 -30.60 2.01
C GLY B 212 17.96 -29.84 2.53
N ILE B 213 17.41 -28.93 1.73
CA ILE B 213 16.23 -28.15 2.11
C ILE B 213 15.02 -29.09 2.16
N VAL B 214 14.17 -28.86 3.16
CA VAL B 214 12.97 -29.61 3.39
C VAL B 214 11.84 -28.94 2.58
N PHE B 215 11.14 -29.73 1.77
CA PHE B 215 10.04 -29.22 0.92
C PHE B 215 8.78 -29.99 1.20
N ASN B 216 7.87 -29.36 1.94
CA ASN B 216 6.66 -30.01 2.39
C ASN B 216 5.44 -29.14 2.16
N SER B 217 4.28 -29.80 2.17
CA SER B 217 3.01 -29.10 2.08
C SER B 217 2.22 -29.32 3.38
N LEU B 218 1.20 -28.51 3.58
CA LEU B 218 0.46 -28.44 4.81
C LEU B 218 -1.01 -28.21 4.53
N TYR B 219 -1.86 -28.99 5.20
CA TYR B 219 -3.28 -28.69 5.37
C TYR B 219 -3.53 -28.44 6.87
N PRO B 220 -3.80 -27.20 7.26
CA PRO B 220 -3.90 -26.86 8.68
C PRO B 220 -5.22 -27.26 9.35
N GLY B 221 -6.24 -27.57 8.56
CA GLY B 221 -7.60 -27.83 9.05
C GLY B 221 -8.56 -26.94 8.27
N CYS B 222 -9.84 -27.02 8.61
CA CYS B 222 -10.85 -26.13 8.04
C CYS B 222 -10.90 -24.85 8.87
N VAL B 223 -10.25 -23.80 8.37
CA VAL B 223 -10.03 -22.55 9.09
C VAL B 223 -11.19 -21.61 8.71
N ALA B 224 -12.37 -21.95 9.23
CA ALA B 224 -13.63 -21.40 8.72
C ALA B 224 -13.82 -19.91 9.04
N ASP B 225 -13.10 -19.39 10.03
CA ASP B 225 -13.22 -17.98 10.38
C ASP B 225 -12.48 -17.01 9.45
N THR B 226 -11.67 -17.50 8.53
CA THR B 226 -10.95 -16.59 7.64
C THR B 226 -11.92 -16.05 6.58
N PRO B 227 -11.53 -14.95 5.93
CA PRO B 227 -12.38 -14.45 4.85
C PRO B 227 -12.50 -15.36 3.62
N LEU B 228 -11.51 -16.23 3.39
CA LEU B 228 -11.38 -16.91 2.11
C LEU B 228 -12.67 -17.56 1.64
N PHE B 229 -13.29 -18.34 2.52
CA PHE B 229 -14.52 -19.07 2.22
C PHE B 229 -15.77 -18.48 2.91
N ARG B 230 -15.71 -17.24 3.38
CA ARG B 230 -16.84 -16.64 4.10
C ARG B 230 -18.15 -16.75 3.34
N ASN B 231 -18.12 -16.61 2.01
CA ASN B 231 -19.38 -16.64 1.24
C ASN B 231 -20.05 -18.01 1.25
N HIS B 232 -19.23 -19.08 1.31
CA HIS B 232 -19.74 -20.43 1.47
C HIS B 232 -20.55 -20.57 2.77
N TYR B 233 -19.97 -20.07 3.84
CA TYR B 233 -20.59 -20.19 5.17
C TYR B 233 -21.86 -19.35 5.26
N SER B 234 -21.82 -18.16 4.67
CA SER B 234 -23.01 -17.32 4.53
C SER B 234 -24.12 -18.01 3.76
N LEU B 235 -23.76 -18.62 2.62
CA LEU B 235 -24.76 -19.36 1.85
C LEU B 235 -25.36 -20.52 2.67
N PHE B 236 -24.49 -21.29 3.34
CA PHE B 236 -24.95 -22.35 4.24
C PHE B 236 -25.94 -21.85 5.27
N ARG B 237 -25.63 -20.73 5.92
CA ARG B 237 -26.55 -20.11 6.89
C ARG B 237 -27.92 -19.73 6.31
N THR B 238 -27.94 -19.29 5.06
CA THR B 238 -29.23 -18.95 4.42
C THR B 238 -30.12 -20.18 4.22
N ILE B 239 -29.49 -21.34 3.99
CA ILE B 239 -30.22 -22.61 3.81
C ILE B 239 -30.49 -23.31 5.15
N PHE B 240 -29.48 -23.31 6.02
CA PHE B 240 -29.54 -23.96 7.32
C PHE B 240 -29.40 -22.93 8.44
N PRO B 241 -30.53 -22.40 8.96
CA PRO B 241 -30.36 -21.27 9.88
C PRO B 241 -29.66 -21.59 11.21
N TRP B 242 -29.58 -22.87 11.57
CA TRP B 242 -28.81 -23.34 12.74
C TRP B 242 -27.29 -23.37 12.52
N PHE B 243 -26.84 -23.21 11.29
CA PHE B 243 -25.43 -23.39 10.98
C PHE B 243 -24.55 -22.33 11.63
N GLN B 244 -23.45 -22.77 12.23
CA GLN B 244 -22.38 -21.92 12.68
C GLN B 244 -21.06 -22.45 12.16
N LYS B 245 -20.15 -21.52 11.88
CA LYS B 245 -18.84 -21.87 11.27
C LYS B 245 -18.10 -22.94 12.05
N ASN B 246 -18.20 -22.85 13.39
CA ASN B 246 -17.44 -23.74 14.26
C ASN B 246 -17.96 -25.17 14.39
N VAL B 247 -19.06 -25.50 13.69
CA VAL B 247 -19.48 -26.90 13.58
C VAL B 247 -19.12 -27.48 12.21
N THR B 248 -18.29 -26.78 11.43
CA THR B 248 -17.79 -27.36 10.19
C THR B 248 -16.86 -28.51 10.51
N LYS B 249 -16.89 -29.53 9.65
CA LYS B 249 -16.04 -30.69 9.78
C LYS B 249 -14.60 -30.22 9.67
N GLY B 250 -13.76 -30.64 10.63
CA GLY B 250 -12.36 -30.25 10.63
C GLY B 250 -12.09 -28.84 11.11
N TYR B 251 -13.08 -28.19 11.71
CA TYR B 251 -12.93 -26.80 12.14
C TYR B 251 -11.72 -26.60 13.04
N VAL B 252 -10.90 -25.60 12.72
CA VAL B 252 -9.81 -25.15 13.61
C VAL B 252 -9.87 -23.62 13.70
N SER B 253 -9.51 -23.08 14.86
CA SER B 253 -9.36 -21.64 15.00
C SER B 253 -8.19 -21.12 14.14
N GLN B 254 -8.19 -19.82 13.85
CA GLN B 254 -7.08 -19.20 13.12
C GLN B 254 -5.80 -19.31 13.91
N GLU B 255 -5.89 -19.11 15.22
CA GLU B 255 -4.75 -19.21 16.11
C GLU B 255 -4.10 -20.59 16.06
N LEU B 256 -4.91 -21.64 16.11
CA LEU B 256 -4.40 -23.01 16.04
C LEU B 256 -3.81 -23.35 14.67
N ALA B 257 -4.49 -22.94 13.60
CA ALA B 257 -3.95 -23.13 12.25
C ALA B 257 -2.55 -22.48 12.12
N GLY B 258 -2.43 -21.25 12.63
CA GLY B 258 -1.17 -20.56 12.69
C GLY B 258 -0.10 -21.30 13.49
N GLU B 259 -0.50 -21.91 14.61
CA GLU B 259 0.43 -22.70 15.42
C GLU B 259 0.88 -23.93 14.64
N ARG B 260 -0.01 -24.51 13.84
CA ARG B 260 0.36 -25.64 13.00
C ARG B 260 1.35 -25.23 11.90
N VAL B 261 1.19 -24.04 11.33
CA VAL B 261 2.20 -23.50 10.39
C VAL B 261 3.57 -23.38 11.08
N ALA B 262 3.56 -22.83 12.30
CA ALA B 262 4.78 -22.63 13.06
C ALA B 262 5.50 -23.95 13.36
N MET B 263 4.74 -24.98 13.70
CA MET B 263 5.28 -26.33 13.97
C MET B 263 5.99 -26.87 12.75
N VAL B 264 5.31 -26.84 11.61
CA VAL B 264 5.84 -27.41 10.37
C VAL B 264 7.10 -26.64 9.88
N VAL B 265 7.17 -25.35 10.22
CA VAL B 265 8.32 -24.54 9.89
C VAL B 265 9.50 -24.83 10.82
N ALA B 266 9.24 -24.92 12.13
CA ALA B 266 10.26 -24.81 13.16
C ALA B 266 10.58 -26.08 13.96
N ASP B 267 9.63 -27.01 14.08
CA ASP B 267 9.75 -28.08 15.10
C ASP B 267 10.45 -29.32 14.56
N ASP B 268 11.16 -30.00 15.46
CA ASP B 268 12.00 -31.15 15.10
C ASP B 268 11.25 -32.31 14.47
N LYS B 269 9.99 -32.52 14.89
CA LYS B 269 9.17 -33.63 14.37
C LYS B 269 8.83 -33.52 12.88
N PHE B 270 9.01 -32.34 12.29
CA PHE B 270 8.61 -32.08 10.91
C PHE B 270 9.79 -31.93 9.92
N LYS B 271 10.91 -32.60 10.22
CA LYS B 271 12.10 -32.49 9.40
C LYS B 271 12.17 -33.37 8.15
N ASP B 272 11.28 -34.35 7.98
CA ASP B 272 11.28 -35.15 6.76
C ASP B 272 10.79 -34.26 5.60
N SER B 273 11.33 -34.51 4.40
CA SER B 273 11.01 -33.73 3.20
C SER B 273 10.13 -34.53 2.25
N GLY B 274 9.40 -33.82 1.40
CA GLY B 274 8.53 -34.45 0.43
C GLY B 274 7.29 -35.09 1.03
N VAL B 275 6.74 -34.48 2.09
CA VAL B 275 5.51 -35.01 2.68
C VAL B 275 4.44 -33.93 2.73
N HIS B 276 3.22 -34.38 2.94
CA HIS B 276 2.10 -33.51 3.16
C HIS B 276 1.63 -33.75 4.58
N TRP B 277 1.65 -32.70 5.38
CA TRP B 277 1.20 -32.77 6.78
C TRP B 277 -0.24 -32.32 6.83
N SER B 278 -1.09 -33.14 7.42
CA SER B 278 -2.52 -32.88 7.44
C SER B 278 -3.03 -33.10 8.83
N TRP B 279 -4.06 -32.33 9.19
CA TRP B 279 -4.76 -32.51 10.44
C TRP B 279 -6.25 -32.78 10.16
N GLY B 280 -6.82 -33.74 10.90
CA GLY B 280 -8.27 -34.02 10.87
C GLY B 280 -8.83 -34.42 12.23
N GLN B 283 -5.10 -33.81 15.92
CA GLN B 283 -4.28 -33.54 17.10
C GLN B 283 -2.80 -33.85 16.80
N GLN B 284 -2.46 -35.13 16.60
CA GLN B 284 -1.20 -35.50 15.96
C GLN B 284 -1.43 -35.38 14.45
N ALA B 285 -0.46 -34.84 13.72
CA ALA B 285 -0.60 -34.66 12.25
C ALA B 285 -0.53 -35.99 11.53
N GLY B 286 -1.37 -36.17 10.52
CA GLY B 286 -1.21 -37.27 9.56
C GLY B 286 -0.10 -36.90 8.58
N ARG B 287 0.64 -37.90 8.12
CA ARG B 287 1.71 -37.71 7.19
C ARG B 287 1.48 -38.54 5.93
N GLU B 288 1.56 -37.90 4.78
CA GLU B 288 1.52 -38.59 3.49
C GLU B 288 2.76 -38.24 2.69
N ALA B 289 3.56 -39.26 2.35
CA ALA B 289 4.69 -39.08 1.44
C ALA B 289 4.13 -38.93 0.03
N PHE B 290 4.90 -38.32 -0.84
CA PHE B 290 4.49 -38.16 -2.23
C PHE B 290 4.96 -39.32 -3.10
N GLY B 298 3.67 -42.54 -9.18
CA GLY B 298 2.26 -42.27 -9.54
C GLY B 298 2.08 -41.46 -10.81
N SER B 299 0.85 -41.03 -11.09
CA SER B 299 0.54 -40.18 -12.24
C SER B 299 0.54 -38.70 -11.87
N ASP B 300 0.24 -38.38 -10.61
CA ASP B 300 0.50 -37.03 -10.08
C ASP B 300 1.99 -36.68 -10.24
N ALA B 301 2.87 -37.68 -10.12
CA ALA B 301 4.31 -37.48 -10.36
C ALA B 301 4.64 -37.00 -11.77
N GLN B 302 4.04 -37.63 -12.79
CA GLN B 302 4.23 -37.20 -14.18
C GLN B 302 3.57 -35.85 -14.49
N LYS B 303 2.34 -35.66 -13.98
CA LYS B 303 1.64 -34.40 -14.14
C LYS B 303 2.43 -33.27 -13.48
N ALA B 304 3.01 -33.56 -12.31
CA ALA B 304 3.80 -32.57 -11.60
C ALA B 304 4.98 -32.08 -12.42
N GLN B 305 5.66 -33.00 -13.10
CA GLN B 305 6.84 -32.64 -13.92
C GLN B 305 6.47 -31.71 -15.09
N ARG B 306 5.39 -32.03 -15.77
CA ARG B 306 4.82 -31.20 -16.85
C ARG B 306 4.36 -29.82 -16.33
N MET B 307 3.66 -29.80 -15.18
CA MET B 307 3.28 -28.55 -14.53
C MET B 307 4.52 -27.67 -14.36
N TRP B 308 5.59 -28.26 -13.83
CA TRP B 308 6.82 -27.52 -13.56
C TRP B 308 7.44 -26.94 -14.84
N ASP B 309 7.66 -27.81 -15.83
CA ASP B 309 8.32 -27.39 -17.08
C ASP B 309 7.56 -26.25 -17.79
N LEU B 310 6.23 -26.35 -17.80
CA LEU B 310 5.42 -25.30 -18.41
C LEU B 310 5.38 -24.03 -17.55
N SER B 311 5.28 -24.17 -16.23
CA SER B 311 5.26 -23.00 -15.36
C SER B 311 6.54 -22.16 -15.48
N GLU B 312 7.69 -22.83 -15.64
CA GLU B 312 8.94 -22.11 -15.88
C GLU B 312 8.82 -21.15 -17.07
N LYS B 313 8.24 -21.63 -18.15
CA LYS B 313 8.03 -20.79 -19.34
C LYS B 313 7.10 -19.63 -19.05
N LEU B 314 5.99 -19.89 -18.36
CA LEU B 314 4.99 -18.88 -18.12
C LEU B 314 5.49 -17.73 -17.23
N VAL B 315 6.41 -18.02 -16.31
CA VAL B 315 6.92 -17.00 -15.39
C VAL B 315 8.28 -16.45 -15.79
N GLY B 316 8.79 -16.86 -16.95
CA GLY B 316 10.02 -16.29 -17.50
C GLY B 316 11.28 -16.76 -16.85
N LEU B 317 11.30 -18.00 -16.36
CA LEU B 317 12.53 -18.60 -15.84
C LEU B 317 13.41 -19.18 -16.95
N VAL B 318 12.89 -19.36 -18.16
CA VAL B 318 13.68 -19.98 -19.25
C VAL B 318 13.66 -19.15 -20.53
PA NDP C . -8.34 28.08 4.75
O1A NDP C . -8.05 28.33 6.18
O2A NDP C . -9.51 28.71 4.08
O5B NDP C . -8.42 26.51 4.45
C5B NDP C . -7.46 25.66 5.00
C4B NDP C . -7.88 24.22 4.73
O4B NDP C . -6.84 23.38 5.22
C3B NDP C . -9.16 23.82 5.48
O3B NDP C . -9.98 22.97 4.69
C2B NDP C . -8.63 23.05 6.66
O2B NDP C . -9.58 22.18 7.27
C1B NDP C . -7.42 22.36 6.00
N9A NDP C . -6.59 21.75 7.05
C8A NDP C . -6.01 22.40 8.08
N7A NDP C . -5.37 21.53 8.88
C5A NDP C . -5.57 20.32 8.35
C6A NDP C . -5.20 18.96 8.72
N6A NDP C . -4.45 18.78 9.83
N1A NDP C . -5.58 17.93 7.91
C2A NDP C . -6.32 18.14 6.79
N3A NDP C . -6.71 19.35 6.41
C4A NDP C . -6.37 20.45 7.14
O3 NDP C . -6.94 28.46 4.02
PN NDP C . -6.71 29.11 2.57
O1N NDP C . -6.49 30.59 2.70
O2N NDP C . -7.77 28.65 1.59
O5D NDP C . -5.27 28.50 2.14
C5D NDP C . -5.16 27.38 1.26
C4D NDP C . -3.73 27.29 0.74
O4D NDP C . -3.40 28.48 0.05
C3D NDP C . -2.74 27.18 1.89
O3D NDP C . -1.71 26.24 1.54
C2D NDP C . -2.16 28.57 2.03
O2D NDP C . -0.81 28.58 2.53
C1D NDP C . -2.20 29.02 0.60
N1N NDP C . -2.21 30.46 0.41
C2N NDP C . -3.20 31.21 0.92
C3N NDP C . -3.24 32.59 0.74
C7N NDP C . -4.32 33.46 1.30
O7N NDP C . -4.24 34.67 1.07
N7N NDP C . -5.35 32.98 1.99
C4N NDP C . -2.16 33.26 -0.07
C5N NDP C . -1.16 32.32 -0.57
C6N NDP C . -1.21 30.98 -0.32
P2B NDP C . -10.80 22.71 8.24
O1X NDP C . -10.20 23.81 9.09
O2X NDP C . -11.86 23.18 7.27
O3X NDP C . -11.14 21.49 9.02
CL CL D . -16.57 8.63 -12.88
PA NDP E . -7.27 -15.32 3.86
O1A NDP E . -8.22 -14.81 2.80
O2A NDP E . -7.56 -15.13 5.33
O5B NDP E . -5.87 -14.62 3.59
C5B NDP E . -5.30 -14.66 2.30
C4B NDP E . -4.01 -13.86 2.33
O4B NDP E . -3.42 -13.96 1.02
C3B NDP E . -4.27 -12.38 2.63
O3B NDP E . -3.28 -11.84 3.51
C2B NDP E . -4.19 -11.78 1.24
O2B NDP E . -3.91 -10.37 1.21
C1B NDP E . -3.10 -12.65 0.60
N9A NDP E . -3.13 -12.40 -0.84
C8A NDP E . -4.15 -12.59 -1.69
N7A NDP E . -3.81 -12.18 -2.92
C5A NDP E . -2.56 -11.71 -2.86
C6A NDP E . -1.61 -11.13 -3.81
N6A NDP E . -1.94 -10.96 -5.09
N1A NDP E . -0.39 -10.77 -3.35
C2A NDP E . -0.03 -10.92 -2.05
N3A NDP E . -0.86 -11.46 -1.13
C4A NDP E . -2.12 -11.86 -1.49
O3 NDP E . -6.93 -16.86 3.48
PN NDP E . -6.70 -18.13 4.44
O1N NDP E . -5.90 -17.80 5.67
O2N NDP E . -7.99 -18.89 4.59
O5D NDP E . -5.82 -19.08 3.48
C5D NDP E . -4.40 -19.20 3.62
C4D NDP E . -3.90 -20.45 2.91
O4D NDP E . -4.46 -21.63 3.48
C3D NDP E . -4.25 -20.45 1.43
O3D NDP E . -3.16 -20.90 0.65
C2D NDP E . -5.42 -21.41 1.34
O2D NDP E . -5.57 -22.05 0.07
C1D NDP E . -5.04 -22.39 2.44
N1N NDP E . -6.18 -23.13 2.97
C2N NDP E . -7.14 -22.49 3.68
C3N NDP E . -8.23 -23.19 4.23
C7N NDP E . -9.32 -22.51 5.01
O7N NDP E . -10.22 -23.21 5.46
N7N NDP E . -9.35 -21.19 5.22
C4N NDP E . -8.34 -24.68 3.99
C5N NDP E . -7.23 -25.24 3.21
C6N NDP E . -6.18 -24.45 2.74
P2B NDP E . -5.01 -9.26 1.67
O1X NDP E . -5.02 -9.34 3.18
O2X NDP E . -4.49 -8.03 1.03
O3X NDP E . -6.32 -9.75 1.09
#